data_3BRF
#
_entry.id   3BRF
#
_cell.length_a   62.944
_cell.length_b   95.972
_cell.length_c   223.630
_cell.angle_alpha   90.000
_cell.angle_beta   90.000
_cell.angle_gamma   90.000
#
_symmetry.space_group_name_H-M   'C 2 2 21'
#
loop_
_entity.id
_entity.type
_entity.pdbx_description
1 polymer "DNA (5'-D(*DTP*DTP*DAP*DCP*DTP*DGP*DTP*DGP*DGP*DGP*DAP*DAP*DAP*DGP*DA)-3')"
2 polymer "DNA (5'-D(*DAP*DAP*DTP*DCP*DTP*DTP*DTP*DCP*DCP*DCP*DAP*DCP*DAP*DGP*DT)-3')"
3 polymer 'Lin-12 and glp-1 phenotype protein 1, isoform a'
4 polymer 'Protein lin-12'
5 non-polymer sorbitol
6 water water
#
loop_
_entity_poly.entity_id
_entity_poly.type
_entity_poly.pdbx_seq_one_letter_code
_entity_poly.pdbx_strand_id
1 'polydeoxyribonucleotide' (DT)(DT)(DA)(DC)(DT)(DG)(DT)(DG)(DG)(DG)(DA)(DA)(DA)(DG)(DA) B
2 'polydeoxyribonucleotide' (DA)(DA)(DT)(DC)(DT)(DT)(DT)(DC)(DC)(DC)(DA)(DC)(DA)(DG)(DT) C
3 'polypeptide(L)'
;SGPLGSGDSVQSLTSDRMIDFLSNKEKYECVISIFHAKVAQKSYGNEKRFFCPPPCIYLIGQGWKLKKDRVAQLYKTLKA
SAQKDAAIENDPIHEQQATELVAYIGIGSDTSERQQLDFSTGKVRHPGDQRQDPNIYDYCAAKTLYISDSDKRKYFDLNA
QFFYGCGMEIGGFVSQRIKVISKPSKKKQSMKNTDCKYLCIASGTKVALFNRLRSQTVSTRYLHVEGNAFHASSTKWGAF
TIHLFDDERGLQETDNFAVRDGFVYYGSVVKLVDSVTGIALPRLRIRKVDKQQVILDASCSEEPVSQLHKCAFQMIDNEL
VYLCLSHDKIIQHQATAINEHRHQINDGAAWTIISTDKAEYRFFEAMGQVANPISPCPVVGSLEVDGHGEASRVELHGRD
FKPNLKVWFGATPVETTFRSEESLHCSIPPVSQVRNEQTHWMFTNRTTGDVEVPISLVRDDGVVYSSGLTFSYKSLER
;
A
4 'polypeptide(L)' SRMINASVWMPPME D
#
loop_
_chem_comp.id
_chem_comp.type
_chem_comp.name
_chem_comp.formula
DA DNA linking 2'-DEOXYADENOSINE-5'-MONOPHOSPHATE 'C10 H14 N5 O6 P'
DC DNA linking 2'-DEOXYCYTIDINE-5'-MONOPHOSPHATE 'C9 H14 N3 O7 P'
DG DNA linking 2'-DEOXYGUANOSINE-5'-MONOPHOSPHATE 'C10 H14 N5 O7 P'
DT DNA linking THYMIDINE-5'-MONOPHOSPHATE 'C10 H15 N2 O8 P'
SOR D-saccharide sorbitol 'C6 H14 O6'
#
# COMPACT_ATOMS: atom_id res chain seq x y z
N SER C 12 25.67 4.96 -19.52
CA SER C 12 24.70 4.07 -20.25
C SER C 12 24.88 2.62 -19.78
N LEU C 13 23.76 2.02 -19.37
CA LEU C 13 23.74 0.64 -18.87
C LEU C 13 24.29 -0.35 -19.89
N THR C 14 25.34 -1.06 -19.52
CA THR C 14 25.90 -2.10 -20.39
C THR C 14 25.33 -3.47 -20.01
N SER C 15 25.12 -4.30 -21.03
CA SER C 15 24.54 -5.66 -20.92
C SER C 15 24.93 -6.42 -19.65
N ASP C 16 26.14 -6.15 -19.16
CA ASP C 16 26.76 -6.90 -18.07
C ASP C 16 26.37 -6.39 -16.69
N ARG C 17 26.42 -5.07 -16.49
CA ARG C 17 26.09 -4.49 -15.19
C ARG C 17 24.64 -4.80 -14.78
N MET C 18 23.79 -4.94 -15.79
CA MET C 18 22.42 -5.44 -15.65
C MET C 18 22.39 -6.80 -14.94
N ILE C 19 23.25 -7.72 -15.40
CA ILE C 19 23.32 -9.08 -14.88
C ILE C 19 23.68 -9.09 -13.39
N ASP C 20 24.66 -8.28 -13.00
CA ASP C 20 25.01 -8.12 -11.59
C ASP C 20 23.82 -7.61 -10.77
N PHE C 21 22.94 -6.82 -11.40
CA PHE C 21 21.77 -6.30 -10.69
C PHE C 21 20.63 -7.32 -10.61
N LEU C 22 20.27 -7.93 -11.74
CA LEU C 22 19.18 -8.88 -11.79
C LEU C 22 19.43 -10.07 -10.85
N SER C 23 20.70 -10.47 -10.77
CA SER C 23 21.15 -11.54 -9.88
C SER C 23 21.17 -11.08 -8.42
N ASN C 24 21.40 -9.79 -8.24
CA ASN C 24 21.47 -9.18 -6.91
C ASN C 24 20.47 -8.06 -6.77
N LYS C 25 19.20 -8.43 -6.90
CA LYS C 25 18.11 -7.47 -6.82
C LYS C 25 18.19 -6.74 -5.48
N GLU C 26 17.97 -7.47 -4.40
CA GLU C 26 17.77 -6.88 -3.07
C GLU C 26 19.02 -6.21 -2.47
N LYS C 27 20.16 -6.37 -3.12
CA LYS C 27 21.42 -5.78 -2.65
C LYS C 27 21.53 -4.32 -3.06
N TYR C 28 20.95 -4.00 -4.20
CA TYR C 28 21.17 -2.70 -4.84
C TYR C 28 19.89 -1.90 -5.11
N GLU C 29 18.73 -2.57 -5.06
CA GLU C 29 17.47 -1.94 -5.42
C GLU C 29 16.85 -1.11 -4.29
N CYS C 30 16.59 0.16 -4.60
CA CYS C 30 15.93 1.05 -3.68
C CYS C 30 14.43 0.96 -3.88
N VAL C 31 13.72 0.83 -2.77
CA VAL C 31 12.29 0.64 -2.76
C VAL C 31 11.70 1.73 -1.88
N ILE C 32 10.69 2.43 -2.40
CA ILE C 32 9.98 3.42 -1.61
C ILE C 32 8.47 3.19 -1.70
N SER C 33 7.84 3.10 -0.54
CA SER C 33 6.42 2.79 -0.47
C SER C 33 5.66 3.79 0.35
N ILE C 34 4.55 4.24 -0.23
CA ILE C 34 3.74 5.29 0.34
C ILE C 34 2.38 4.67 0.63
N PHE C 35 2.02 4.65 1.91
CA PHE C 35 0.78 4.05 2.36
C PHE C 35 -0.13 5.19 2.83
N HIS C 36 -1.39 5.16 2.38
CA HIS C 36 -2.38 6.18 2.73
C HIS C 36 -3.81 5.59 2.61
N ALA C 37 -4.80 6.32 3.14
CA ALA C 37 -6.20 5.92 2.92
C ALA C 37 -6.72 6.44 1.59
N LYS C 38 -7.75 5.78 1.06
CA LYS C 38 -8.39 6.14 -0.21
C LYS C 38 -9.30 7.40 -0.12
N VAL C 39 -9.50 7.92 1.08
CA VAL C 39 -10.52 8.95 1.30
C VAL C 39 -9.95 9.89 2.31
N ALA C 40 -10.39 11.15 2.29
CA ALA C 40 -10.08 12.04 3.40
C ALA C 40 -11.25 12.98 3.65
N GLN C 41 -11.52 13.27 4.92
CA GLN C 41 -12.58 14.19 5.29
C GLN C 41 -12.18 15.65 5.10
N LYS C 42 -12.97 16.42 4.35
CA LYS C 42 -12.62 17.83 4.25
C LYS C 42 -12.73 18.57 5.60
N SER C 43 -11.96 19.65 5.72
CA SER C 43 -12.01 20.58 6.81
C SER C 43 -12.79 21.82 6.38
N TYR C 44 -13.66 22.33 7.26
CA TYR C 44 -14.48 23.51 6.95
C TYR C 44 -13.94 24.67 7.72
N GLY C 45 -14.06 25.87 7.17
CA GLY C 45 -13.64 27.07 7.92
C GLY C 45 -12.17 26.99 8.28
N ASN C 46 -11.84 27.37 9.50
CA ASN C 46 -10.46 27.39 9.99
C ASN C 46 -10.04 26.12 10.71
N GLU C 47 -10.77 25.03 10.52
CA GLU C 47 -10.48 23.83 11.30
C GLU C 47 -9.51 22.89 10.54
N LYS C 48 -8.91 21.95 11.26
CA LYS C 48 -8.10 20.92 10.61
C LYS C 48 -8.50 19.52 11.05
N ARG C 49 -8.92 18.70 10.09
CA ARG C 49 -9.21 17.31 10.33
C ARG C 49 -8.11 16.53 9.60
N PHE C 50 -7.17 16.03 10.37
CA PHE C 50 -5.97 15.34 9.88
C PHE C 50 -6.22 14.01 9.18
N PHE C 51 -5.53 13.77 8.07
CA PHE C 51 -5.70 12.49 7.41
C PHE C 51 -5.26 11.44 8.41
N CYS C 52 -6.10 10.41 8.53
CA CYS C 52 -5.94 9.34 9.51
C CYS C 52 -6.42 8.06 8.83
N PRO C 53 -5.61 6.99 8.85
CA PRO C 53 -4.30 6.94 9.48
C PRO C 53 -3.33 7.87 8.76
N PRO C 54 -2.21 8.19 9.42
CA PRO C 54 -1.36 9.20 8.80
C PRO C 54 -0.66 8.57 7.58
N PRO C 55 -0.71 9.24 6.43
CA PRO C 55 0.05 8.80 5.29
C PRO C 55 1.49 8.62 5.72
N CYS C 56 2.12 7.55 5.25
CA CYS C 56 3.47 7.23 5.66
C CYS C 56 4.31 6.59 4.56
N ILE C 57 5.60 6.60 4.78
CA ILE C 57 6.56 6.22 3.77
C ILE C 57 7.54 5.25 4.38
N TYR C 58 7.67 4.09 3.74
CA TYR C 58 8.69 3.12 4.10
C TYR C 58 9.81 3.08 3.06
N LEU C 59 11.05 3.24 3.52
CA LEU C 59 12.22 3.07 2.65
C LEU C 59 12.83 1.70 2.87
N ILE C 60 12.71 0.81 1.89
CA ILE C 60 13.13 -0.58 2.07
C ILE C 60 14.20 -0.94 1.06
N GLY C 61 15.03 -1.92 1.40
CA GLY C 61 16.08 -2.37 0.52
C GLY C 61 17.41 -1.88 1.03
N GLN C 62 18.47 -2.60 0.70
CA GLN C 62 19.79 -2.20 1.14
C GLN C 62 20.39 -1.17 0.19
N GLY C 63 19.82 -1.10 -1.01
CA GLY C 63 20.20 -0.10 -2.00
C GLY C 63 20.32 1.30 -1.43
N TRP C 64 19.48 1.61 -0.45
CA TRP C 64 19.51 2.91 0.24
C TRP C 64 20.81 3.18 0.99
N LYS C 65 21.40 2.13 1.55
CA LYS C 65 22.68 2.25 2.25
C LYS C 65 23.80 2.55 1.27
N LEU C 66 23.77 1.87 0.11
CA LEU C 66 24.72 2.08 -0.97
C LEU C 66 24.52 3.43 -1.67
N LYS C 67 23.28 3.92 -1.72
CA LYS C 67 23.00 5.26 -2.22
C LYS C 67 23.63 6.31 -1.31
N LYS C 68 23.52 6.11 0.00
CA LYS C 68 24.13 7.01 0.97
C LYS C 68 25.65 6.94 0.87
N ASP C 69 26.18 5.74 0.64
CA ASP C 69 27.61 5.55 0.44
C ASP C 69 28.12 6.35 -0.76
N ARG C 70 27.38 6.31 -1.87
CA ARG C 70 27.76 7.03 -3.09
C ARG C 70 27.78 8.55 -2.89
N VAL C 71 26.71 9.07 -2.30
CA VAL C 71 26.60 10.50 -2.01
C VAL C 71 27.65 10.94 -1.01
N ALA C 72 28.06 10.02 -0.12
CA ALA C 72 29.06 10.32 0.88
C ALA C 72 30.41 10.55 0.21
N GLN C 73 30.84 9.58 -0.60
CA GLN C 73 32.07 9.67 -1.39
C GLN C 73 32.05 10.89 -2.31
N LEU C 74 30.92 11.08 -3.00
CA LEU C 74 30.78 12.19 -3.93
C LEU C 74 30.94 13.55 -3.24
N TYR C 75 30.33 13.70 -2.06
CA TYR C 75 30.46 14.97 -1.33
C TYR C 75 31.66 15.12 -0.40
N LYS C 76 32.54 14.13 -0.34
CA LYS C 76 33.79 14.30 0.37
C LYS C 76 34.84 14.93 -0.56
N THR C 77 34.49 15.02 -1.84
CA THR C 77 35.31 15.68 -2.85
C THR C 77 34.83 17.12 -3.10
N LEU C 78 33.51 17.30 -3.12
CA LEU C 78 32.92 18.63 -3.32
C LEU C 78 32.88 19.40 -2.00
N THR C 99 24.03 14.84 3.66
CA THR C 99 24.31 13.98 4.81
C THR C 99 23.04 13.27 5.28
N GLU C 100 22.24 13.98 6.07
CA GLU C 100 20.99 13.46 6.61
C GLU C 100 19.84 13.74 5.63
N LEU C 101 19.07 12.72 5.27
CA LEU C 101 18.03 12.89 4.24
C LEU C 101 16.69 13.38 4.80
N VAL C 102 16.15 14.42 4.19
CA VAL C 102 14.87 14.99 4.62
C VAL C 102 13.84 14.98 3.50
N ALA C 103 12.57 14.93 3.89
CA ALA C 103 11.49 14.81 2.94
C ALA C 103 10.30 15.68 3.31
N TYR C 104 9.58 16.15 2.30
CA TYR C 104 8.42 17.01 2.48
C TYR C 104 7.25 16.38 1.76
N ILE C 105 6.05 16.63 2.26
CA ILE C 105 4.85 16.07 1.65
C ILE C 105 3.76 17.11 1.56
N GLY C 106 3.04 17.10 0.45
CA GLY C 106 1.96 18.06 0.21
C GLY C 106 0.82 17.43 -0.56
N ILE C 107 -0.21 18.23 -0.84
CA ILE C 107 -1.41 17.74 -1.49
C ILE C 107 -1.61 18.35 -2.89
N GLY C 108 -0.56 18.95 -3.42
CA GLY C 108 -0.59 19.45 -4.80
C GLY C 108 -1.39 20.74 -4.96
N SER C 109 -1.38 21.57 -3.91
CA SER C 109 -2.02 22.89 -3.92
C SER C 109 -1.06 23.93 -3.35
N ASP C 110 -0.97 25.10 -3.97
CA ASP C 110 0.02 26.09 -3.55
C ASP C 110 -0.35 27.00 -2.36
N THR C 111 -1.51 26.78 -1.76
CA THR C 111 -1.88 27.47 -0.51
C THR C 111 -1.90 26.50 0.67
N SER C 112 -1.61 25.25 0.37
CA SER C 112 -1.46 24.26 1.41
C SER C 112 0.04 24.03 1.57
N GLU C 113 0.62 24.54 2.66
CA GLU C 113 2.05 24.38 2.89
C GLU C 113 2.45 22.92 2.86
N ARG C 114 3.57 22.63 2.20
CA ARG C 114 4.22 21.34 2.29
C ARG C 114 4.74 21.14 3.71
N GLN C 115 4.73 19.90 4.17
CA GLN C 115 5.12 19.62 5.55
C GLN C 115 6.31 18.66 5.58
N GLN C 116 7.25 18.96 6.47
CA GLN C 116 8.45 18.15 6.68
C GLN C 116 8.09 16.83 7.36
N LEU C 117 8.63 15.75 6.83
CA LEU C 117 8.50 14.42 7.41
C LEU C 117 9.63 14.19 8.41
N ASP C 118 9.27 13.78 9.62
CA ASP C 118 10.28 13.42 10.62
C ASP C 118 10.48 11.90 10.64
N PHE C 119 11.75 11.50 10.69
CA PHE C 119 12.15 10.09 10.67
C PHE C 119 12.49 9.61 12.08
N PRO C 134 14.33 -4.49 9.68
CA PRO C 134 15.62 -5.05 9.22
C PRO C 134 15.86 -4.74 7.73
N ASN C 135 14.93 -5.16 6.87
CA ASN C 135 14.84 -4.71 5.49
C ASN C 135 14.43 -3.23 5.38
N ILE C 136 13.78 -2.72 6.42
CA ILE C 136 13.33 -1.32 6.47
C ILE C 136 14.49 -0.36 6.78
N TYR C 137 14.87 0.47 5.82
CA TYR C 137 15.91 1.47 6.02
C TYR C 137 15.44 2.62 6.92
N ASP C 138 14.34 3.26 6.54
CA ASP C 138 13.80 4.37 7.33
C ASP C 138 12.27 4.50 7.19
N TYR C 139 11.67 5.23 8.14
CA TYR C 139 10.22 5.35 8.22
C TYR C 139 9.84 6.75 8.69
N CYS C 140 8.82 7.32 8.07
CA CYS C 140 8.26 8.59 8.53
C CYS C 140 6.76 8.62 8.23
N ALA C 141 6.00 9.24 9.13
CA ALA C 141 4.57 9.44 8.92
C ALA C 141 4.26 10.93 8.97
N ALA C 142 3.25 11.36 8.21
CA ALA C 142 2.78 12.74 8.26
C ALA C 142 1.43 12.83 9.01
N LYS C 143 1.47 13.29 10.25
CA LYS C 143 0.31 13.23 11.16
C LYS C 143 -0.60 14.43 11.12
N THR C 144 -0.15 15.52 10.50
CA THR C 144 -0.92 16.75 10.51
C THR C 144 -1.27 17.29 9.13
N LEU C 145 -1.40 16.41 8.14
CA LEU C 145 -1.96 16.79 6.86
C LEU C 145 -3.48 16.97 6.92
N TYR C 146 -3.98 17.95 6.17
CA TYR C 146 -5.41 18.17 6.08
C TYR C 146 -5.74 18.87 4.78
N ILE C 147 -7.00 18.80 4.36
CA ILE C 147 -7.42 19.54 3.18
C ILE C 147 -8.66 20.42 3.49
N SER C 148 -8.58 21.67 3.09
CA SER C 148 -9.58 22.65 3.42
C SER C 148 -10.66 22.73 2.34
N ASP C 149 -11.83 23.25 2.71
CA ASP C 149 -12.94 23.33 1.79
C ASP C 149 -12.73 24.43 0.74
N SER C 150 -11.65 25.20 0.90
CA SER C 150 -11.31 26.19 -0.13
C SER C 150 -10.83 25.52 -1.40
N ASP C 151 -10.32 24.31 -1.27
CA ASP C 151 -9.90 23.48 -2.40
C ASP C 151 -11.13 22.72 -2.93
N LYS C 152 -11.38 22.82 -4.22
CA LYS C 152 -12.60 22.31 -4.87
C LYS C 152 -12.43 20.96 -5.53
N ARG C 153 -11.25 20.35 -5.41
CA ARG C 153 -10.99 19.12 -6.16
C ARG C 153 -11.80 17.98 -5.59
N LYS C 154 -12.29 17.11 -6.45
CA LYS C 154 -12.93 15.91 -5.95
C LYS C 154 -11.87 14.92 -5.50
N TYR C 155 -10.73 14.95 -6.17
CA TYR C 155 -9.64 14.04 -5.90
C TYR C 155 -8.34 14.80 -5.79
N PHE C 156 -7.44 14.31 -4.95
CA PHE C 156 -6.08 14.83 -4.94
C PHE C 156 -5.09 13.67 -4.79
N ASP C 157 -3.81 13.96 -4.86
CA ASP C 157 -2.84 12.97 -4.48
C ASP C 157 -1.76 13.60 -3.61
N LEU C 158 -0.99 12.75 -2.94
CA LEU C 158 0.11 13.23 -2.12
C LEU C 158 1.37 13.17 -2.96
N ASN C 159 2.21 14.18 -2.78
CA ASN C 159 3.49 14.21 -3.40
C ASN C 159 4.57 14.41 -2.34
N ALA C 160 5.45 13.42 -2.22
CA ALA C 160 6.54 13.46 -1.27
C ALA C 160 7.80 13.70 -2.08
N GLN C 161 8.62 14.66 -1.65
CA GLN C 161 9.93 14.88 -2.26
C GLN C 161 11.04 14.61 -1.26
N PHE C 162 12.10 13.94 -1.72
CA PHE C 162 13.25 13.60 -0.88
C PHE C 162 14.52 14.33 -1.31
N PHE C 163 15.27 14.81 -0.32
CA PHE C 163 16.55 15.47 -0.51
C PHE C 163 17.53 14.94 0.53
N TYR C 164 18.82 14.98 0.22
CA TYR C 164 19.83 14.85 1.27
C TYR C 164 20.07 16.22 1.89
N GLY C 165 20.57 16.25 3.12
CA GLY C 165 20.89 17.49 3.81
C GLY C 165 21.89 18.36 3.06
N CYS C 166 22.78 17.72 2.29
CA CYS C 166 23.69 18.45 1.41
C CYS C 166 22.98 19.13 0.24
N GLY C 167 21.79 18.65 -0.12
CA GLY C 167 20.94 19.34 -1.09
C GLY C 167 20.71 18.66 -2.43
N MET C 168 21.31 17.48 -2.63
CA MET C 168 21.06 16.72 -3.85
C MET C 168 19.65 16.12 -3.79
N GLU C 169 18.81 16.53 -4.73
CA GLU C 169 17.46 16.01 -4.82
C GLU C 169 17.47 14.57 -5.28
N ILE C 170 16.83 13.71 -4.49
CA ILE C 170 16.55 12.33 -4.90
C ILE C 170 15.37 12.37 -5.87
N GLY C 171 14.24 12.93 -5.43
CA GLY C 171 13.12 13.15 -6.33
C GLY C 171 11.76 13.12 -5.66
N GLY C 172 10.72 13.19 -6.48
CA GLY C 172 9.36 13.30 -5.98
C GLY C 172 8.53 12.10 -6.37
N PHE C 173 7.68 11.66 -5.45
CA PHE C 173 6.89 10.45 -5.61
C PHE C 173 5.46 10.75 -5.19
N VAL C 174 4.51 10.24 -5.96
CA VAL C 174 3.10 10.49 -5.68
C VAL C 174 2.40 9.24 -5.16
N SER C 175 1.32 9.47 -4.43
CA SER C 175 0.50 8.39 -3.93
C SER C 175 -0.56 8.14 -4.98
N GLN C 176 -1.47 7.22 -4.67
CA GLN C 176 -2.67 7.00 -5.46
C GLN C 176 -3.67 8.14 -5.24
N ARG C 177 -4.71 8.16 -6.07
CA ARG C 177 -5.87 9.04 -5.95
CA ARG C 177 -5.74 9.14 -5.90
C ARG C 177 -6.48 8.92 -4.57
N ILE C 178 -6.86 10.04 -3.96
CA ILE C 178 -7.57 10.10 -2.68
C ILE C 178 -8.87 10.90 -2.91
N LYS C 179 -10.00 10.36 -2.47
CA LYS C 179 -11.26 11.08 -2.70
C LYS C 179 -11.63 11.98 -1.53
N VAL C 180 -12.00 13.22 -1.80
CA VAL C 180 -12.44 14.13 -0.72
C VAL C 180 -13.86 13.79 -0.33
N ILE C 181 -14.08 13.58 0.97
CA ILE C 181 -15.46 13.36 1.43
C ILE C 181 -15.84 14.46 2.39
N SER C 182 -17.13 14.75 2.44
CA SER C 182 -17.63 15.77 3.33
C SER C 182 -17.76 15.21 4.74
N LYS C 183 -18.18 13.95 4.84
CA LYS C 183 -18.44 13.28 6.14
C LYS C 183 -18.65 11.79 5.95
N PRO C 184 -18.35 10.99 6.98
CA PRO C 184 -18.63 9.57 6.81
C PRO C 184 -20.09 9.43 6.38
N SER C 185 -20.35 8.60 5.39
CA SER C 185 -21.71 8.34 4.95
C SER C 185 -22.61 7.69 6.02
N LYS C 186 -23.93 7.92 5.89
CA LYS C 186 -24.93 7.37 6.80
C LYS C 186 -26.03 6.57 6.07
N LYS C 187 -25.73 6.02 4.90
CA LYS C 187 -26.77 5.32 4.15
C LYS C 187 -27.07 3.94 4.77
N LYS C 188 -28.35 3.64 4.93
CA LYS C 188 -28.79 2.43 5.61
C LYS C 188 -28.97 1.24 4.67
N GLN C 189 -29.05 1.51 3.36
CA GLN C 189 -29.40 0.49 2.36
C GLN C 189 -28.36 0.43 1.25
N SER C 190 -28.66 -0.36 0.20
CA SER C 190 -27.87 -0.41 -1.05
C SER C 190 -26.49 -1.02 -0.84
N ASP C 195 -24.93 2.32 -9.09
CA ASP C 195 -24.56 3.41 -8.18
C ASP C 195 -23.16 3.26 -7.57
N CYS C 196 -22.75 4.29 -6.82
CA CYS C 196 -21.35 4.58 -6.47
C CYS C 196 -20.41 3.42 -6.10
N LYS C 197 -20.55 2.85 -4.91
CA LYS C 197 -19.70 1.72 -4.44
C LYS C 197 -18.29 2.11 -3.93
N TYR C 198 -17.79 3.27 -4.35
CA TYR C 198 -16.46 3.73 -3.91
C TYR C 198 -16.28 3.79 -2.38
N LEU C 199 -17.37 4.08 -1.67
CA LEU C 199 -17.31 4.22 -0.22
C LEU C 199 -17.49 2.89 0.52
N CYS C 200 -17.86 1.85 -0.22
CA CYS C 200 -18.01 0.52 0.36
C CYS C 200 -16.68 -0.20 0.54
N ILE C 201 -16.74 -1.33 1.20
CA ILE C 201 -15.56 -2.11 1.48
C ILE C 201 -15.88 -3.49 0.95
N ALA C 202 -15.16 -3.86 -0.10
CA ALA C 202 -15.33 -5.13 -0.77
C ALA C 202 -14.43 -6.16 -0.11
N SER C 203 -14.94 -7.40 -0.03
CA SER C 203 -14.18 -8.53 0.49
C SER C 203 -12.84 -8.68 -0.24
N GLY C 204 -11.78 -8.83 0.55
CA GLY C 204 -10.44 -9.03 -0.02
C GLY C 204 -9.67 -7.75 -0.28
N THR C 205 -10.17 -6.61 0.19
CA THR C 205 -9.44 -5.34 0.04
C THR C 205 -8.82 -4.93 1.37
N LYS C 206 -8.01 -3.88 1.34
CA LYS C 206 -7.20 -3.48 2.48
C LYS C 206 -7.87 -2.41 3.32
N VAL C 207 -7.68 -2.49 4.63
CA VAL C 207 -8.28 -1.52 5.53
C VAL C 207 -7.31 -1.19 6.66
N ALA C 208 -7.39 0.02 7.16
CA ALA C 208 -6.76 0.37 8.43
C ALA C 208 -7.84 0.43 9.48
N LEU C 209 -7.48 0.19 10.74
CA LEU C 209 -8.41 0.30 11.86
C LEU C 209 -7.77 1.12 12.95
N PHE C 210 -8.44 2.21 13.33
CA PHE C 210 -7.90 3.05 14.35
C PHE C 210 -8.90 3.35 15.44
N ASN C 211 -8.39 3.93 16.52
CA ASN C 211 -9.17 4.10 17.73
C ASN C 211 -8.80 5.42 18.35
N ARG C 212 -9.83 6.26 18.49
CA ARG C 212 -9.78 7.55 19.16
C ARG C 212 -10.23 7.34 20.58
N LEU C 213 -9.78 8.21 21.45
CA LEU C 213 -10.14 8.16 22.86
C LEU C 213 -10.74 9.51 23.26
N ARG C 214 -11.99 9.50 23.69
CA ARG C 214 -12.82 10.73 23.82
C ARG C 214 -12.44 11.85 22.82
N SER C 215 -12.13 11.44 21.57
CA SER C 215 -11.66 12.37 20.52
C SER C 215 -10.68 13.40 21.10
N GLN C 216 -9.97 12.98 22.16
CA GLN C 216 -9.13 13.86 22.97
C GLN C 216 -8.52 13.19 24.20
N THR C 217 -7.22 12.93 24.09
CA THR C 217 -6.26 13.01 25.22
C THR C 217 -5.08 13.66 24.51
N VAL C 218 -4.86 13.13 23.31
CA VAL C 218 -4.00 13.60 22.23
C VAL C 218 -4.18 12.47 21.22
N SER C 219 -4.22 11.25 21.79
CA SER C 219 -3.84 10.06 21.12
C SER C 219 -4.86 9.49 20.13
N THR C 220 -4.33 8.67 19.25
CA THR C 220 -5.07 7.87 18.36
C THR C 220 -4.14 6.69 18.34
N ARG C 221 -4.69 5.50 18.17
CA ARG C 221 -3.87 4.31 18.06
C ARG C 221 -4.34 3.46 16.90
N TYR C 222 -3.46 2.64 16.36
CA TYR C 222 -3.75 1.92 15.13
C TYR C 222 -3.51 0.44 15.27
N LEU C 223 -4.41 -0.35 14.69
CA LEU C 223 -4.18 -1.77 14.61
C LEU C 223 -2.93 -2.06 13.77
N HIS C 224 -2.02 -2.85 14.34
CA HIS C 224 -0.71 -3.10 13.75
C HIS C 224 -0.14 -4.39 14.32
N VAL C 225 0.32 -5.29 13.45
CA VAL C 225 1.05 -6.47 13.90
C VAL C 225 2.56 -6.26 13.94
N GLU C 226 3.14 -6.63 15.08
CA GLU C 226 4.52 -6.38 15.38
C GLU C 226 5.04 -7.60 16.16
N GLY C 227 5.96 -8.34 15.56
CA GLY C 227 6.49 -9.54 16.18
C GLY C 227 5.41 -10.52 16.56
N ASN C 228 4.69 -11.01 15.55
CA ASN C 228 3.74 -12.13 15.71
C ASN C 228 2.51 -11.82 16.53
N ALA C 229 2.32 -10.57 16.91
CA ALA C 229 1.19 -10.18 17.73
C ALA C 229 0.51 -8.90 17.22
N PHE C 230 -0.81 -8.87 17.31
CA PHE C 230 -1.55 -7.66 17.01
C PHE C 230 -1.37 -6.73 18.20
N HIS C 231 -1.00 -5.48 17.93
CA HIS C 231 -1.00 -4.48 18.99
C HIS C 231 -1.66 -3.19 18.50
N ALA C 232 -1.69 -2.16 19.34
CA ALA C 232 -2.25 -0.87 18.94
C ALA C 232 -1.15 0.17 19.03
N SER C 233 -0.63 0.55 17.86
CA SER C 233 0.56 1.36 17.81
C SER C 233 0.21 2.83 17.76
N SER C 234 1.09 3.66 18.29
CA SER C 234 0.89 5.08 18.29
C SER C 234 1.55 5.73 17.08
N THR C 235 2.27 4.94 16.29
CA THR C 235 3.06 5.49 15.18
C THR C 235 2.88 4.77 13.84
N LYS C 236 2.57 3.48 13.90
CA LYS C 236 2.49 2.66 12.70
C LYS C 236 1.12 2.02 12.60
N TRP C 237 0.67 1.76 11.37
CA TRP C 237 -0.61 1.14 11.16
C TRP C 237 -0.57 0.03 10.15
N GLY C 238 -1.35 -1.01 10.39
CA GLY C 238 -1.38 -2.09 9.44
C GLY C 238 -2.41 -1.89 8.37
N ALA C 239 -2.04 -2.26 7.15
CA ALA C 239 -3.00 -2.45 6.08
C ALA C 239 -3.46 -3.89 6.16
N PHE C 240 -4.70 -4.13 6.55
CA PHE C 240 -5.21 -5.53 6.67
C PHE C 240 -6.15 -5.89 5.56
N THR C 241 -6.08 -7.12 5.10
CA THR C 241 -7.04 -7.62 4.15
C THR C 241 -8.30 -8.07 4.92
N ILE C 242 -9.44 -7.48 4.59
CA ILE C 242 -10.68 -7.88 5.23
C ILE C 242 -11.39 -8.87 4.35
N HIS C 243 -11.71 -10.03 4.94
CA HIS C 243 -12.37 -11.11 4.22
C HIS C 243 -13.74 -11.40 4.79
N LEU C 244 -14.70 -11.62 3.89
CA LEU C 244 -15.98 -12.21 4.26
C LEU C 244 -15.82 -13.72 4.43
N PHE C 245 -15.79 -14.15 5.69
CA PHE C 245 -15.69 -15.57 6.08
C PHE C 245 -16.90 -16.35 5.60
N ASP C 246 -16.68 -17.59 5.13
CA ASP C 246 -17.77 -18.42 4.62
C ASP C 246 -18.21 -19.59 5.55
N ASP C 247 -18.23 -20.82 5.03
CA ASP C 247 -18.83 -21.98 5.72
C ASP C 247 -18.15 -23.32 5.44
N GLU C 248 -18.31 -24.27 6.38
CA GLU C 248 -17.89 -25.66 6.20
C GLU C 248 -18.52 -26.59 7.23
N GLN C 252 -15.35 -25.11 14.21
CA GLN C 252 -15.32 -24.11 13.14
C GLN C 252 -14.14 -23.13 13.34
N GLU C 253 -13.06 -23.39 12.60
CA GLU C 253 -11.74 -22.78 12.82
C GLU C 253 -10.71 -23.51 11.91
N THR C 254 -9.51 -22.99 11.67
CA THR C 254 -9.01 -21.67 12.05
C THR C 254 -8.07 -21.26 10.92
N ASP C 255 -6.86 -21.83 10.95
CA ASP C 255 -5.76 -21.42 10.06
C ASP C 255 -6.13 -21.39 8.58
N ASN C 256 -6.93 -22.35 8.14
CA ASN C 256 -7.33 -22.42 6.75
C ASN C 256 -8.85 -22.29 6.61
N PHE C 257 -9.29 -21.22 5.94
CA PHE C 257 -10.71 -20.87 5.88
C PHE C 257 -11.19 -20.46 4.48
N ALA C 258 -12.50 -20.59 4.26
CA ALA C 258 -13.14 -20.20 3.01
C ALA C 258 -13.71 -18.78 3.08
N VAL C 259 -13.62 -18.07 1.96
CA VAL C 259 -14.11 -16.70 1.84
C VAL C 259 -15.06 -16.50 0.65
N ARG C 260 -16.05 -15.62 0.80
CA ARG C 260 -16.93 -15.22 -0.30
C ARG C 260 -16.49 -13.87 -0.83
N ASP C 261 -16.95 -13.56 -2.05
CA ASP C 261 -16.86 -12.21 -2.58
C ASP C 261 -18.08 -11.38 -2.13
N GLY C 262 -18.00 -10.06 -2.32
CA GLY C 262 -19.11 -9.17 -2.04
C GLY C 262 -18.72 -8.03 -1.12
N PHE C 263 -19.62 -7.05 -0.97
CA PHE C 263 -19.37 -5.94 -0.07
C PHE C 263 -19.63 -6.36 1.36
N VAL C 264 -18.86 -5.80 2.29
CA VAL C 264 -19.04 -6.09 3.70
C VAL C 264 -20.20 -5.28 4.31
N TYR C 265 -21.13 -5.99 4.96
CA TYR C 265 -22.28 -5.41 5.65
C TYR C 265 -22.17 -5.62 7.13
N TYR C 266 -22.82 -4.76 7.91
CA TYR C 266 -22.89 -4.95 9.34
C TYR C 266 -23.60 -6.27 9.64
N GLY C 267 -23.09 -6.99 10.63
CA GLY C 267 -23.62 -8.32 10.94
C GLY C 267 -22.89 -9.46 10.27
N SER C 268 -22.06 -9.18 9.27
CA SER C 268 -21.28 -10.21 8.56
C SER C 268 -20.12 -10.73 9.41
N VAL C 269 -19.78 -12.01 9.24
CA VAL C 269 -18.58 -12.56 9.84
C VAL C 269 -17.38 -12.28 8.94
N VAL C 270 -16.35 -11.71 9.54
CA VAL C 270 -15.24 -11.14 8.81
C VAL C 270 -13.91 -11.66 9.36
N LYS C 271 -12.93 -11.75 8.47
CA LYS C 271 -11.56 -12.11 8.83
C LYS C 271 -10.57 -11.00 8.48
N LEU C 272 -9.79 -10.61 9.47
CA LEU C 272 -8.76 -9.60 9.30
C LEU C 272 -7.40 -10.27 9.21
N VAL C 273 -6.70 -10.02 8.10
CA VAL C 273 -5.44 -10.67 7.78
C VAL C 273 -4.34 -9.66 7.45
N ASP C 274 -3.22 -9.75 8.15
CA ASP C 274 -2.09 -8.87 7.90
C ASP C 274 -1.49 -9.06 6.52
N SER C 275 -1.27 -7.95 5.81
CA SER C 275 -0.54 -7.95 4.52
C SER C 275 0.80 -8.62 4.69
N VAL C 276 1.63 -7.99 5.52
CA VAL C 276 3.05 -8.32 5.67
C VAL C 276 3.30 -9.74 6.18
N THR C 277 2.77 -10.04 7.36
CA THR C 277 3.12 -11.27 8.08
C THR C 277 2.27 -12.48 7.73
N GLY C 278 1.03 -12.25 7.31
CA GLY C 278 0.06 -13.35 7.13
C GLY C 278 -0.68 -13.76 8.40
N ILE C 279 -0.51 -12.98 9.48
CA ILE C 279 -1.12 -13.26 10.79
C ILE C 279 -2.57 -12.79 10.77
N ALA C 280 -3.50 -13.62 11.26
CA ALA C 280 -4.93 -13.23 11.29
C ALA C 280 -5.55 -13.19 12.67
N LEU C 281 -6.48 -12.26 12.88
CA LEU C 281 -7.31 -12.22 14.08
C LEU C 281 -8.34 -13.37 14.03
N PRO C 282 -8.97 -13.71 15.17
CA PRO C 282 -10.02 -14.72 15.06
C PRO C 282 -11.18 -14.19 14.23
N ARG C 283 -12.00 -15.08 13.70
CA ARG C 283 -13.17 -14.64 12.94
C ARG C 283 -14.05 -13.75 13.83
N LEU C 284 -14.52 -12.62 13.29
CA LEU C 284 -15.25 -11.61 14.08
C LEU C 284 -16.49 -11.14 13.35
N ARG C 285 -17.48 -10.64 14.08
CA ARG C 285 -18.65 -10.07 13.44
C ARG C 285 -18.60 -8.56 13.56
N ILE C 286 -18.77 -7.86 12.44
CA ILE C 286 -18.67 -6.41 12.41
C ILE C 286 -20.02 -5.78 12.76
N ARG C 287 -19.98 -4.82 13.69
CA ARG C 287 -21.20 -4.14 14.15
C ARG C 287 -20.98 -2.63 14.11
N LYS C 288 -22.05 -1.89 13.82
CA LYS C 288 -21.96 -0.45 13.77
C LYS C 288 -21.92 0.03 15.21
N VAL C 289 -21.22 1.12 15.47
CA VAL C 289 -21.34 1.72 16.78
C VAL C 289 -21.86 3.13 16.66
N ASP C 290 -22.59 3.55 17.67
CA ASP C 290 -23.22 4.86 17.75
C ASP C 290 -22.88 5.41 19.13
N LYS C 291 -21.77 6.13 19.25
CA LYS C 291 -21.20 6.51 20.56
C LYS C 291 -21.22 5.34 21.51
N GLN C 292 -20.07 4.79 21.87
CA GLN C 292 -20.07 3.95 23.10
C GLN C 292 -21.12 2.79 23.14
N GLN C 293 -22.02 2.73 22.16
CA GLN C 293 -23.02 1.65 22.07
C GLN C 293 -22.92 0.85 20.77
N VAL C 294 -22.96 -0.47 20.90
CA VAL C 294 -22.99 -1.35 19.74
C VAL C 294 -24.44 -1.51 19.31
N ILE C 295 -24.70 -1.31 18.02
CA ILE C 295 -26.06 -1.51 17.51
C ILE C 295 -26.23 -2.93 16.96
N LEU C 296 -27.43 -3.48 17.12
CA LEU C 296 -27.67 -4.91 16.85
C LEU C 296 -28.95 -5.20 16.05
N ASP C 297 -29.75 -4.16 15.82
CA ASP C 297 -30.90 -4.24 14.90
C ASP C 297 -30.63 -5.11 13.66
N ALA C 298 -31.44 -6.14 13.47
CA ALA C 298 -31.42 -7.00 12.26
C ALA C 298 -31.26 -6.20 10.97
N SER C 299 -31.98 -5.08 10.87
CA SER C 299 -31.92 -4.19 9.71
C SER C 299 -30.50 -3.74 9.31
N CYS C 300 -29.56 -3.77 10.26
CA CYS C 300 -28.15 -3.41 10.00
CA CYS C 300 -28.16 -3.40 9.99
C CYS C 300 -27.51 -4.25 8.91
N SER C 301 -28.04 -5.47 8.70
CA SER C 301 -27.56 -6.38 7.65
C SER C 301 -27.76 -5.78 6.27
N GLU C 302 -28.73 -4.86 6.18
CA GLU C 302 -28.92 -4.08 4.96
C GLU C 302 -27.92 -2.93 4.86
N GLU C 303 -27.17 -2.67 5.93
CA GLU C 303 -26.27 -1.51 5.96
C GLU C 303 -24.82 -1.86 5.60
N PRO C 304 -24.31 -1.24 4.51
CA PRO C 304 -22.95 -1.46 4.05
C PRO C 304 -21.97 -0.81 5.01
N VAL C 305 -20.87 -1.50 5.29
CA VAL C 305 -19.80 -0.87 6.02
C VAL C 305 -19.22 0.14 5.04
N SER C 306 -18.85 1.31 5.55
CA SER C 306 -18.45 2.43 4.74
C SER C 306 -17.23 3.15 5.32
N GLN C 307 -16.51 3.90 4.48
CA GLN C 307 -15.32 4.68 4.90
C GLN C 307 -15.60 5.55 6.13
N LEU C 308 -14.72 5.42 7.12
CA LEU C 308 -14.74 6.23 8.35
C LEU C 308 -15.92 5.96 9.33
N HIS C 309 -16.57 4.81 9.14
CA HIS C 309 -17.58 4.32 10.07
C HIS C 309 -16.95 3.94 11.41
N LYS C 310 -17.56 4.40 12.49
CA LYS C 310 -17.32 3.80 13.81
C LYS C 310 -17.93 2.37 13.85
N CYS C 311 -17.15 1.39 14.30
CA CYS C 311 -17.58 0.01 14.28
C CYS C 311 -16.92 -0.82 15.39
N ALA C 312 -17.40 -2.04 15.58
CA ALA C 312 -16.90 -2.94 16.63
C ALA C 312 -16.84 -4.35 16.10
N PHE C 313 -16.07 -5.20 16.78
CA PHE C 313 -15.88 -6.58 16.37
C PHE C 313 -16.19 -7.56 17.50
N GLN C 314 -17.35 -8.22 17.42
CA GLN C 314 -17.70 -9.16 18.47
C GLN C 314 -17.23 -10.57 18.19
N MET C 315 -16.73 -11.23 19.23
CA MET C 315 -16.38 -12.65 19.12
C MET C 315 -17.60 -13.41 18.67
N ILE C 316 -17.38 -14.50 17.95
CA ILE C 316 -18.48 -15.30 17.43
C ILE C 316 -19.09 -16.20 18.49
N ASP C 317 -18.22 -16.75 19.34
CA ASP C 317 -18.63 -17.62 20.45
C ASP C 317 -19.37 -16.87 21.57
N ASN C 318 -19.04 -15.58 21.74
CA ASN C 318 -19.57 -14.77 22.84
C ASN C 318 -19.99 -13.36 22.43
N GLU C 319 -21.31 -13.16 22.34
CA GLU C 319 -21.92 -11.91 21.87
C GLU C 319 -21.49 -10.67 22.62
N LEU C 320 -21.09 -10.82 23.87
CA LEU C 320 -20.71 -9.67 24.70
C LEU C 320 -19.22 -9.35 24.68
N VAL C 321 -18.44 -10.16 23.96
CA VAL C 321 -17.01 -9.96 23.94
C VAL C 321 -16.55 -9.29 22.63
N TYR C 322 -15.86 -8.17 22.79
CA TYR C 322 -15.40 -7.35 21.68
C TYR C 322 -13.90 -7.14 21.63
N LEU C 323 -13.38 -7.05 20.41
CA LEU C 323 -12.00 -6.67 20.15
C LEU C 323 -11.79 -5.27 20.70
N CYS C 324 -10.74 -5.10 21.48
CA CYS C 324 -10.58 -3.93 22.29
C CYS C 324 -9.10 -3.64 22.53
N LEU C 325 -8.82 -2.37 22.79
CA LEU C 325 -7.47 -1.90 23.00
C LEU C 325 -7.25 -1.49 24.46
N SER C 326 -6.09 -1.82 25.02
CA SER C 326 -5.67 -1.31 26.31
C SER C 326 -4.21 -0.83 26.20
N HIS C 327 -4.02 0.48 26.29
CA HIS C 327 -2.81 1.14 25.82
C HIS C 327 -2.43 0.55 24.46
N ASP C 328 -1.28 -0.09 24.37
CA ASP C 328 -0.85 -0.65 23.09
C ASP C 328 -1.22 -2.13 22.89
N LYS C 329 -1.92 -2.72 23.85
CA LYS C 329 -2.25 -4.15 23.73
C LYS C 329 -3.65 -4.42 23.18
N ILE C 330 -3.75 -5.48 22.39
CA ILE C 330 -5.03 -5.94 21.90
C ILE C 330 -5.58 -7.05 22.80
N ILE C 331 -6.81 -6.85 23.29
CA ILE C 331 -7.46 -7.71 24.25
C ILE C 331 -8.92 -7.97 23.89
N GLN C 332 -9.52 -8.93 24.61
CA GLN C 332 -10.95 -9.19 24.52
C GLN C 332 -11.64 -8.47 25.68
N HIS C 333 -12.62 -7.66 25.32
CA HIS C 333 -13.37 -6.87 26.29
C HIS C 333 -14.80 -7.37 26.33
N GLN C 334 -15.31 -7.55 27.54
CA GLN C 334 -16.69 -7.96 27.76
C GLN C 334 -17.57 -6.74 28.01
N ALA C 335 -18.57 -6.56 27.14
CA ALA C 335 -19.51 -5.44 27.24
C ALA C 335 -20.66 -5.73 28.21
N THR C 336 -21.43 -4.70 28.55
CA THR C 336 -22.64 -4.90 29.33
C THR C 336 -23.88 -4.54 28.50
N ALA C 337 -24.88 -5.41 28.58
CA ALA C 337 -26.10 -5.29 27.79
C ALA C 337 -26.93 -4.12 28.30
N ILE C 338 -27.59 -3.44 27.38
CA ILE C 338 -28.48 -2.35 27.70
C ILE C 338 -29.84 -2.83 27.21
N ASN C 339 -29.77 -3.61 26.14
CA ASN C 339 -30.90 -3.93 25.31
C ASN C 339 -30.72 -5.25 24.62
N GLU C 340 -31.84 -5.86 24.23
CA GLU C 340 -31.85 -6.89 23.19
C GLU C 340 -31.02 -6.44 21.97
N HIS C 341 -31.04 -5.14 21.65
CA HIS C 341 -30.37 -4.59 20.45
C HIS C 341 -29.21 -3.62 20.71
N ARG C 342 -28.66 -3.57 21.92
CA ARG C 342 -27.69 -2.52 22.26
C ARG C 342 -26.67 -2.95 23.33
N HIS C 343 -25.37 -2.77 23.06
CA HIS C 343 -24.35 -3.06 24.09
C HIS C 343 -23.55 -1.83 24.49
N GLN C 344 -23.18 -1.71 25.77
CA GLN C 344 -22.27 -0.65 26.24
C GLN C 344 -20.83 -1.13 26.14
N ILE C 345 -19.99 -0.42 25.39
CA ILE C 345 -18.57 -0.78 25.31
C ILE C 345 -17.63 0.29 25.88
N ASN C 346 -16.42 -0.13 26.24
CA ASN C 346 -15.33 0.80 26.53
C ASN C 346 -14.92 1.58 25.27
N ASP C 347 -14.28 2.74 25.45
CA ASP C 347 -13.76 3.53 24.34
C ASP C 347 -12.80 2.74 23.45
N GLY C 348 -12.09 1.80 24.06
CA GLY C 348 -11.08 1.01 23.37
C GLY C 348 -11.66 0.01 22.41
N ALA C 349 -12.96 -0.19 22.50
CA ALA C 349 -13.65 -1.15 21.63
C ALA C 349 -14.33 -0.48 20.44
N ALA C 350 -14.23 0.84 20.34
CA ALA C 350 -14.82 1.55 19.19
C ALA C 350 -13.78 1.92 18.16
N TRP C 351 -13.85 1.28 16.98
CA TRP C 351 -12.82 1.41 15.95
C TRP C 351 -13.31 2.27 14.82
N THR C 352 -12.40 2.66 13.92
CA THR C 352 -12.82 3.42 12.78
C THR C 352 -12.13 2.72 11.66
N ILE C 353 -12.90 2.41 10.63
CA ILE C 353 -12.45 1.62 9.52
C ILE C 353 -12.42 2.49 8.27
N ILE C 354 -11.36 2.31 7.46
CA ILE C 354 -11.13 3.10 6.25
C ILE C 354 -10.35 2.23 5.28
N SER C 355 -10.71 2.24 3.99
CA SER C 355 -9.96 1.54 2.94
C SER C 355 -8.63 2.22 2.72
N THR C 356 -7.58 1.45 2.50
CA THR C 356 -6.28 2.04 2.23
C THR C 356 -5.62 1.61 0.91
N ASP C 357 -4.54 2.29 0.55
CA ASP C 357 -3.84 2.02 -0.68
C ASP C 357 -2.36 2.21 -0.47
N LYS C 358 -1.58 1.82 -1.48
CA LYS C 358 -0.13 1.87 -1.42
C LYS C 358 0.42 2.24 -2.79
N ALA C 359 1.52 2.98 -2.81
CA ALA C 359 2.22 3.28 -4.05
C ALA C 359 3.66 2.89 -3.86
N GLU C 360 4.11 1.91 -4.63
CA GLU C 360 5.48 1.46 -4.53
C GLU C 360 6.35 1.84 -5.73
N TYR C 361 7.58 2.26 -5.46
CA TYR C 361 8.51 2.63 -6.50
C TYR C 361 9.85 1.94 -6.28
N ARG C 362 10.45 1.47 -7.37
CA ARG C 362 11.74 0.78 -7.33
C ARG C 362 12.67 1.29 -8.40
N PHE C 363 13.91 1.56 -8.00
CA PHE C 363 14.92 2.06 -8.88
C PHE C 363 16.29 1.64 -8.35
N PHE C 364 17.28 1.59 -9.26
CA PHE C 364 18.68 1.44 -8.89
C PHE C 364 19.59 2.11 -9.94
N GLU C 365 20.41 3.06 -9.48
CA GLU C 365 21.35 3.78 -10.35
C GLU C 365 22.49 2.83 -10.80
N ALA C 366 22.20 2.02 -11.81
CA ALA C 366 22.99 0.82 -12.12
C ALA C 366 24.44 1.10 -12.53
N MET C 367 24.64 2.17 -13.29
CA MET C 367 26.00 2.66 -13.56
C MET C 367 26.42 3.48 -12.34
N GLY C 368 26.88 4.73 -12.61
CA GLY C 368 27.19 5.59 -11.48
C GLY C 368 25.94 6.10 -10.77
N GLN C 369 26.20 6.85 -9.70
CA GLN C 369 25.20 7.68 -9.13
C GLN C 369 24.97 8.88 -10.08
N VAL C 370 23.71 9.26 -10.27
CA VAL C 370 23.34 10.19 -11.34
C VAL C 370 23.12 11.61 -10.85
N ALA C 371 23.38 12.57 -11.74
CA ALA C 371 23.27 14.00 -11.43
C ALA C 371 21.82 14.43 -11.30
N ASN C 372 20.97 13.88 -12.16
CA ASN C 372 19.55 14.20 -12.13
C ASN C 372 18.80 13.44 -11.05
N PRO C 373 17.66 14.00 -10.60
CA PRO C 373 16.79 13.21 -9.74
C PRO C 373 16.31 11.95 -10.45
N ILE C 374 16.13 10.85 -9.71
CA ILE C 374 15.58 9.62 -10.32
C ILE C 374 14.07 9.68 -10.58
N SER C 375 13.41 10.74 -10.10
CA SER C 375 12.00 10.93 -10.43
C SER C 375 11.91 11.62 -11.79
N PRO C 376 10.84 11.38 -12.56
CA PRO C 376 9.69 10.54 -12.23
C PRO C 376 9.89 9.07 -12.60
N CYS C 377 9.68 8.17 -11.64
CA CYS C 377 9.70 6.74 -11.91
C CYS C 377 8.54 6.38 -12.80
N PRO C 378 8.78 5.57 -13.83
CA PRO C 378 7.64 5.03 -14.58
C PRO C 378 6.95 3.92 -13.79
N VAL C 379 5.69 3.64 -14.10
CA VAL C 379 5.01 2.45 -13.60
C VAL C 379 4.28 1.72 -14.73
N VAL C 380 4.35 0.40 -14.72
CA VAL C 380 3.79 -0.41 -15.80
C VAL C 380 2.54 -1.16 -15.31
N GLY C 381 1.42 -0.94 -15.99
CA GLY C 381 0.17 -1.63 -15.71
C GLY C 381 0.22 -3.06 -16.20
N SER C 382 0.07 -3.24 -17.52
CA SER C 382 -0.03 -4.58 -18.10
C SER C 382 0.77 -4.74 -19.39
N LEU C 383 0.69 -5.93 -19.98
CA LEU C 383 1.26 -6.22 -21.29
C LEU C 383 0.19 -6.56 -22.31
N GLU C 384 0.46 -6.22 -23.57
CA GLU C 384 -0.41 -6.61 -24.68
C GLU C 384 0.43 -7.13 -25.84
N VAL C 385 0.27 -8.43 -26.13
CA VAL C 385 1.02 -9.08 -27.20
C VAL C 385 0.14 -9.31 -28.45
N ASP C 386 0.31 -8.44 -29.45
CA ASP C 386 -0.44 -8.55 -30.71
C ASP C 386 0.45 -9.05 -31.86
N GLY C 387 -0.17 -9.79 -32.78
CA GLY C 387 0.53 -10.37 -33.94
C GLY C 387 1.47 -11.50 -33.55
N HIS C 388 2.00 -12.19 -34.56
CA HIS C 388 2.97 -13.24 -34.29
C HIS C 388 4.24 -13.08 -35.13
N GLY C 389 5.10 -14.10 -35.12
CA GLY C 389 6.39 -14.05 -35.81
C GLY C 389 7.37 -13.17 -35.05
N GLU C 390 8.43 -12.76 -35.73
CA GLU C 390 9.43 -11.88 -35.14
C GLU C 390 8.96 -10.43 -35.05
N ALA C 391 8.24 -9.99 -36.09
CA ALA C 391 7.80 -8.60 -36.21
C ALA C 391 6.63 -8.24 -35.28
N SER C 392 6.23 -9.17 -34.41
CA SER C 392 5.14 -8.95 -33.46
C SER C 392 5.55 -7.98 -32.36
N ARG C 393 4.71 -6.97 -32.13
CA ARG C 393 5.01 -5.97 -31.12
C ARG C 393 4.36 -6.29 -29.77
N VAL C 394 5.07 -5.95 -28.70
CA VAL C 394 4.53 -5.99 -27.35
C VAL C 394 4.42 -4.57 -26.80
N GLU C 395 3.24 -4.21 -26.31
CA GLU C 395 2.97 -2.87 -25.79
C GLU C 395 2.92 -2.83 -24.26
N LEU C 396 3.24 -1.67 -23.71
CA LEU C 396 3.21 -1.45 -22.28
C LEU C 396 2.33 -0.27 -21.95
N HIS C 397 1.54 -0.41 -20.88
CA HIS C 397 0.66 0.65 -20.40
C HIS C 397 0.99 1.01 -18.95
N GLY C 398 0.85 2.29 -18.61
CA GLY C 398 1.18 2.77 -17.28
C GLY C 398 1.24 4.29 -17.17
N ARG C 399 2.14 4.79 -16.33
CA ARG C 399 2.26 6.22 -16.07
C ARG C 399 3.71 6.66 -16.16
N ASP C 400 3.90 7.91 -16.56
CA ASP C 400 5.21 8.58 -16.57
C ASP C 400 6.29 7.89 -17.41
N PHE C 401 5.87 7.33 -18.54
CA PHE C 401 6.83 6.95 -19.55
C PHE C 401 7.40 8.25 -20.10
N LYS C 402 8.72 8.33 -20.15
CA LYS C 402 9.43 9.48 -20.72
C LYS C 402 10.12 9.04 -22.01
N PRO C 403 10.59 9.99 -22.84
CA PRO C 403 11.26 9.57 -24.07
C PRO C 403 12.59 8.83 -23.83
N ASN C 404 13.16 9.00 -22.64
CA ASN C 404 14.52 8.51 -22.33
C ASN C 404 14.57 7.12 -21.67
N LEU C 405 13.67 6.22 -22.08
CA LEU C 405 13.59 4.87 -21.48
C LEU C 405 13.63 3.72 -22.48
N LYS C 406 14.32 2.64 -22.11
CA LYS C 406 14.41 1.46 -22.96
C LYS C 406 13.98 0.18 -22.24
N VAL C 407 13.12 -0.61 -22.88
CA VAL C 407 12.65 -1.88 -22.32
C VAL C 407 13.71 -2.97 -22.41
N TRP C 408 13.98 -3.62 -21.28
CA TRP C 408 14.98 -4.68 -21.20
C TRP C 408 14.33 -6.01 -20.82
N PHE C 409 14.16 -6.85 -21.83
CA PHE C 409 13.55 -8.16 -21.68
C PHE C 409 14.35 -9.07 -20.74
N GLY C 410 15.58 -8.70 -20.45
CA GLY C 410 16.36 -9.38 -19.43
C GLY C 410 17.68 -8.68 -19.25
N ALA C 411 18.73 -9.30 -19.78
CA ALA C 411 20.05 -8.69 -19.82
C ALA C 411 20.21 -7.89 -21.11
N THR C 412 19.63 -8.41 -22.20
CA THR C 412 19.61 -7.70 -23.48
C THR C 412 18.59 -6.56 -23.48
N PRO C 413 18.91 -5.46 -24.20
CA PRO C 413 17.93 -4.40 -24.44
C PRO C 413 17.05 -4.82 -25.61
N VAL C 414 16.11 -3.96 -26.00
CA VAL C 414 15.29 -4.22 -27.18
C VAL C 414 14.91 -2.93 -27.89
N GLU C 415 14.57 -3.06 -29.18
CA GLU C 415 13.95 -2.00 -29.97
C GLU C 415 12.71 -1.46 -29.25
N THR C 416 12.74 -0.17 -28.93
CA THR C 416 11.64 0.54 -28.30
C THR C 416 11.32 1.77 -29.13
N THR C 417 10.09 2.23 -29.07
CA THR C 417 9.75 3.55 -29.57
C THR C 417 9.29 4.41 -28.39
N PHE C 418 8.13 5.05 -28.52
CA PHE C 418 7.56 5.92 -27.49
C PHE C 418 6.31 6.59 -28.07
N ARG C 419 5.15 6.24 -27.54
CA ARG C 419 3.91 6.91 -27.95
C ARG C 419 3.65 8.14 -27.09
N SER C 420 3.50 7.93 -25.79
CA SER C 420 3.29 9.03 -24.82
C SER C 420 3.63 8.61 -23.40
N GLU C 421 3.04 9.32 -22.43
CA GLU C 421 3.28 9.10 -21.00
C GLU C 421 2.67 7.81 -20.48
N GLU C 422 1.57 7.39 -21.09
CA GLU C 422 0.82 6.23 -20.61
C GLU C 422 0.82 5.03 -21.58
N SER C 423 1.65 5.10 -22.61
CA SER C 423 1.74 4.04 -23.61
C SER C 423 3.14 3.94 -24.23
N LEU C 424 3.52 2.72 -24.61
CA LEU C 424 4.87 2.45 -25.07
C LEU C 424 4.91 1.14 -25.86
N HIS C 425 4.79 1.25 -27.18
CA HIS C 425 4.88 0.06 -28.05
C HIS C 425 6.33 -0.27 -28.40
N CYS C 426 6.67 -1.55 -28.34
CA CYS C 426 8.05 -2.00 -28.60
C CYS C 426 8.12 -3.39 -29.24
N SER C 427 9.25 -3.67 -29.88
CA SER C 427 9.51 -4.98 -30.49
C SER C 427 9.95 -5.99 -29.42
N ILE C 428 9.67 -7.27 -29.69
CA ILE C 428 10.18 -8.38 -28.88
C ILE C 428 11.49 -8.91 -29.48
N PRO C 429 12.51 -9.20 -28.65
CA PRO C 429 13.76 -9.73 -29.19
C PRO C 429 13.64 -11.21 -29.56
N PRO C 430 14.20 -11.62 -30.71
CA PRO C 430 14.18 -13.01 -31.12
C PRO C 430 14.56 -13.94 -29.96
N VAL C 431 13.71 -14.93 -29.71
CA VAL C 431 13.82 -15.85 -28.56
C VAL C 431 15.26 -16.27 -28.25
N SER C 432 16.04 -16.49 -29.32
CA SER C 432 17.44 -16.92 -29.21
C SER C 432 18.31 -15.98 -28.36
N GLN C 433 18.20 -14.68 -28.60
CA GLN C 433 19.17 -13.70 -28.10
C GLN C 433 18.98 -13.28 -26.64
N VAL C 434 18.16 -14.00 -25.88
CA VAL C 434 17.84 -13.59 -24.50
C VAL C 434 18.53 -14.39 -23.38
N ARG C 435 18.87 -15.65 -23.65
CA ARG C 435 19.68 -16.45 -22.71
C ARG C 435 20.95 -16.96 -23.37
N ASN C 436 21.96 -17.31 -22.57
CA ASN C 436 23.22 -17.84 -23.10
C ASN C 436 23.99 -18.79 -22.16
N GLU C 437 24.84 -18.21 -21.31
CA GLU C 437 25.70 -18.95 -20.39
C GLU C 437 26.21 -18.00 -19.30
N GLN C 438 25.50 -16.88 -19.20
CA GLN C 438 25.69 -15.86 -18.18
C GLN C 438 24.27 -15.55 -17.70
N THR C 439 23.33 -15.65 -18.64
CA THR C 439 21.91 -15.75 -18.34
C THR C 439 21.41 -17.08 -18.90
N HIS C 440 20.64 -17.80 -18.08
CA HIS C 440 20.13 -19.13 -18.41
C HIS C 440 19.49 -19.71 -17.17
N TRP C 441 20.27 -19.78 -16.10
CA TRP C 441 19.84 -20.26 -14.79
C TRP C 441 18.76 -19.38 -14.17
N MET C 442 18.85 -18.08 -14.40
CA MET C 442 17.86 -17.13 -13.89
C MET C 442 16.67 -16.98 -14.85
N PHE C 443 16.82 -17.49 -16.07
CA PHE C 443 15.88 -17.20 -17.15
C PHE C 443 14.96 -18.36 -17.57
N THR C 444 15.48 -19.58 -17.47
CA THR C 444 14.68 -20.76 -17.75
C THR C 444 13.98 -21.17 -16.46
N ASN C 445 12.71 -21.54 -16.55
CA ASN C 445 11.99 -22.07 -15.41
C ASN C 445 12.48 -23.48 -15.05
N ARG C 446 12.53 -23.74 -13.76
CA ARG C 446 12.98 -25.02 -13.20
C ARG C 446 11.84 -26.03 -13.08
N THR C 447 10.64 -25.61 -13.49
CA THR C 447 9.44 -26.43 -13.42
C THR C 447 8.87 -26.70 -14.81
N THR C 448 8.49 -25.64 -15.52
CA THR C 448 7.85 -25.74 -16.83
C THR C 448 8.84 -26.10 -17.95
N GLY C 449 10.05 -25.54 -17.87
CA GLY C 449 11.03 -25.67 -18.94
C GLY C 449 10.95 -24.51 -19.92
N ASP C 450 9.87 -23.75 -19.85
CA ASP C 450 9.66 -22.58 -20.70
C ASP C 450 10.45 -21.40 -20.16
N VAL C 451 10.79 -20.47 -21.05
CA VAL C 451 11.61 -19.32 -20.68
C VAL C 451 10.73 -18.19 -20.16
N GLU C 452 11.04 -17.71 -18.96
CA GLU C 452 10.33 -16.57 -18.36
C GLU C 452 11.30 -15.46 -17.97
N VAL C 453 11.11 -14.28 -18.55
CA VAL C 453 12.06 -13.17 -18.44
C VAL C 453 11.56 -11.96 -17.63
N PRO C 454 12.39 -11.41 -16.72
CA PRO C 454 12.01 -10.18 -16.01
C PRO C 454 12.13 -8.94 -16.90
N ILE C 455 11.05 -8.17 -16.97
CA ILE C 455 10.99 -6.95 -17.77
C ILE C 455 11.50 -5.76 -16.96
N SER C 456 12.26 -4.89 -17.62
CA SER C 456 12.76 -3.70 -16.97
C SER C 456 12.67 -2.48 -17.87
N LEU C 457 12.48 -1.32 -17.24
CA LEU C 457 12.69 -0.05 -17.91
C LEU C 457 13.95 0.58 -17.31
N VAL C 458 14.86 1.05 -18.18
CA VAL C 458 16.11 1.68 -17.76
C VAL C 458 16.34 3.02 -18.46
N ARG C 459 16.75 4.00 -17.66
CA ARG C 459 16.99 5.35 -18.13
C ARG C 459 18.41 5.43 -18.67
N ASP C 460 18.65 6.34 -19.61
CA ASP C 460 19.97 6.47 -20.21
C ASP C 460 21.02 6.86 -19.18
N ASP C 461 20.60 7.68 -18.23
CA ASP C 461 21.32 7.92 -16.97
C ASP C 461 22.08 6.71 -16.45
N GLY C 462 21.48 5.53 -16.61
CA GLY C 462 21.98 4.32 -15.97
C GLY C 462 21.09 3.74 -14.89
N VAL C 463 19.99 4.43 -14.54
CA VAL C 463 19.12 3.94 -13.47
C VAL C 463 18.06 2.98 -14.03
N VAL C 464 17.94 1.81 -13.42
CA VAL C 464 16.96 0.82 -13.85
C VAL C 464 15.78 0.74 -12.89
N TYR C 465 14.59 0.68 -13.50
CA TYR C 465 13.35 0.56 -12.80
C TYR C 465 12.79 -0.81 -13.07
N SER C 466 13.00 -1.73 -12.12
CA SER C 466 12.43 -3.08 -12.26
C SER C 466 10.92 -2.96 -12.20
N SER C 467 10.25 -3.48 -13.22
CA SER C 467 8.81 -3.29 -13.38
C SER C 467 7.95 -4.12 -12.41
N GLY C 468 8.51 -5.20 -11.88
CA GLY C 468 7.75 -6.16 -11.08
C GLY C 468 7.09 -7.21 -11.97
N LEU C 469 7.17 -7.01 -13.28
CA LEU C 469 6.59 -7.91 -14.26
C LEU C 469 7.66 -8.80 -14.87
N THR C 470 7.36 -10.08 -15.03
CA THR C 470 8.20 -10.99 -15.84
C THR C 470 7.37 -11.59 -16.96
N PHE C 471 7.93 -11.61 -18.17
CA PHE C 471 7.24 -12.09 -19.37
C PHE C 471 7.41 -13.59 -19.57
N SER C 472 6.32 -14.26 -19.96
CA SER C 472 6.31 -15.71 -20.17
C SER C 472 6.35 -16.10 -21.67
N TYR C 473 7.49 -16.65 -22.09
CA TYR C 473 7.68 -17.09 -23.49
C TYR C 473 6.79 -18.26 -23.87
N LYS C 474 5.56 -17.95 -24.26
CA LYS C 474 4.59 -18.96 -24.66
C LYS C 474 4.01 -18.63 -26.04
N SER C 475 3.42 -17.44 -26.15
CA SER C 475 2.77 -16.95 -27.38
C SER C 475 2.99 -17.81 -28.62
N ARG D 2 -13.05 -19.53 -2.38
CA ARG D 2 -11.56 -19.42 -2.31
C ARG D 2 -11.08 -19.77 -0.90
N MET D 3 -9.81 -20.16 -0.80
CA MET D 3 -9.21 -20.61 0.45
C MET D 3 -8.00 -19.75 0.80
N ILE D 4 -7.87 -19.43 2.09
CA ILE D 4 -6.78 -18.59 2.60
C ILE D 4 -6.17 -19.26 3.84
N ASN D 5 -4.85 -19.17 3.98
CA ASN D 5 -4.18 -19.69 5.17
C ASN D 5 -3.58 -18.57 5.98
N ALA D 6 -3.73 -18.66 7.30
CA ALA D 6 -3.29 -17.62 8.21
C ALA D 6 -3.30 -18.10 9.65
N SER D 7 -2.12 -18.10 10.28
CA SER D 7 -2.04 -18.41 11.70
C SER D 7 -2.93 -17.41 12.45
N VAL D 8 -3.77 -17.95 13.34
CA VAL D 8 -4.71 -17.15 14.10
C VAL D 8 -4.03 -16.65 15.37
N TRP D 9 -4.10 -15.35 15.60
CA TRP D 9 -3.63 -14.78 16.85
C TRP D 9 -4.84 -14.47 17.74
N MET D 10 -4.91 -15.17 18.87
CA MET D 10 -5.98 -14.98 19.83
C MET D 10 -5.54 -13.95 20.87
N PRO D 11 -6.24 -12.80 20.93
CA PRO D 11 -6.01 -11.82 21.98
C PRO D 11 -6.32 -12.34 23.39
N PRO D 12 -5.50 -11.94 24.39
CA PRO D 12 -5.69 -12.38 25.78
C PRO D 12 -6.94 -11.72 26.36
N MET D 13 -7.20 -11.92 27.65
CA MET D 13 -8.49 -11.48 28.19
C MET D 13 -8.50 -10.47 29.31
N GLU D 14 -8.43 -9.19 28.92
CA GLU D 14 -8.72 -8.02 29.74
C GLU D 14 -7.98 -7.97 31.08
C1 SOR E . -16.12 29.65 6.90
C2 SOR E . -15.37 30.39 5.78
C3 SOR E . -15.33 29.60 4.48
C4 SOR E . -14.46 30.26 3.41
C5 SOR E . -13.55 29.31 2.63
C6 SOR E . -12.12 29.56 3.00
O1 SOR E . -16.67 30.58 7.83
O2 SOR E . -15.99 31.65 5.59
O3 SOR E . -16.64 29.43 3.96
O4 SOR E . -15.24 30.94 2.44
O5 SOR E . -13.85 27.92 2.70
O6 SOR E . -11.41 28.87 2.02
C1 SOR F . -15.16 19.09 -2.30
C2 SOR F . -15.60 19.76 -3.63
C3 SOR F . -16.87 19.13 -4.20
C4 SOR F . -17.81 20.24 -4.62
C5 SOR F . -18.66 19.76 -5.80
C6 SOR F . -18.97 20.90 -6.79
O1 SOR F . -15.13 17.71 -2.49
O2 SOR F . -15.77 21.16 -3.49
O3 SOR F . -17.54 18.29 -3.29
O4 SOR F . -18.55 20.64 -3.47
O5 SOR F . -17.95 18.71 -6.44
O6 SOR F . -19.44 20.43 -8.05
#